data_3O28
#
_entry.id   3O28
#
_cell.length_a   65.131
_cell.length_b   88.719
_cell.length_c   47.620
_cell.angle_alpha   90.00
_cell.angle_beta   90.00
_cell.angle_gamma   90.00
#
_symmetry.space_group_name_H-M   'P 21 21 2'
#
loop_
_entity.id
_entity.type
_entity.pdbx_description
1 polymer 'Glutamate receptor 2'
2 non-polymer 2-({[3-(trifluoromethyl)-4,5,6,7-tetrahydro-1H-indazol-1-yl]acetyl}amino)-4,5,6,7-tetrahydro-1-benzothiophene-3-carboxamide
3 non-polymer 'GLUTAMIC ACID'
4 non-polymer 'SULFATE ION'
5 non-polymer 'DIMETHYL SULFOXIDE'
6 non-polymer GLYCEROL
7 water water
#
_entity_poly.entity_id   1
_entity_poly.type   'polypeptide(L)'
_entity_poly.pdbx_seq_one_letter_code
;GANKTVVVTTILESPYVMMKKNHEMLEGNERYEGYCVDLAAEIAKHCGFKYKLTIVGDGKYGARDADTKIWNGMVGELVY
GKADIAIAPLTITLVREEVIDFSKPFMSLGISIMIKKGTPIESAEDLSKQTEIAYGTLDSGSTKEFFRRSKIAVFDKMWT
YMRSAEPSVFVRTTAEGVARVRKSKGKYAYLLESTMNEYIEQRKPCDTMKVGGNLDSKGYGIATPKGSSLGTPVNLAVLK
LSEQGVLDKLKNKWWYDKGECGS
;
_entity_poly.pdbx_strand_id   A
#
loop_
_chem_comp.id
_chem_comp.type
_chem_comp.name
_chem_comp.formula
DMS non-polymer 'DIMETHYL SULFOXIDE' 'C2 H6 O S'
GOL non-polymer GLYCEROL 'C3 H8 O3'
O28 non-polymer 2-({[3-(trifluoromethyl)-4,5,6,7-tetrahydro-1H-indazol-1-yl]acetyl}amino)-4,5,6,7-tetrahydro-1-benzothiophene-3-carboxamide 'C19 H21 F3 N4 O2 S'
SO4 non-polymer 'SULFATE ION' 'O4 S -2'
#
# COMPACT_ATOMS: atom_id res chain seq x y z
N ASN A 3 -3.59 3.34 29.89
CA ASN A 3 -4.82 2.48 29.90
C ASN A 3 -4.49 1.02 29.53
N LYS A 4 -4.75 0.65 28.27
CA LYS A 4 -4.37 -0.65 27.73
C LYS A 4 -3.37 -0.38 26.60
N THR A 5 -2.46 -1.32 26.41
CA THR A 5 -1.51 -1.27 25.29
C THR A 5 -2.34 -1.42 24.00
N VAL A 6 -2.08 -0.53 23.05
CA VAL A 6 -2.81 -0.51 21.76
C VAL A 6 -2.15 -1.49 20.80
N VAL A 7 -2.96 -2.40 20.23
CA VAL A 7 -2.45 -3.42 19.32
C VAL A 7 -2.58 -2.85 17.88
N VAL A 8 -1.44 -2.64 17.25
CA VAL A 8 -1.37 -2.09 15.92
C VAL A 8 -1.20 -3.23 14.92
N THR A 9 -2.05 -3.27 13.91
CA THR A 9 -1.85 -4.11 12.75
C THR A 9 -1.13 -3.34 11.62
N THR A 10 -0.18 -4.00 10.97
CA THR A 10 0.48 -3.36 9.85
C THR A 10 0.91 -4.49 8.87
N ILE A 11 1.64 -4.14 7.82
CA ILE A 11 1.96 -5.14 6.78
C ILE A 11 3.39 -4.91 6.37
N LEU A 12 4.08 -6.00 6.00
CA LEU A 12 5.46 -5.87 5.56
C LEU A 12 5.46 -5.40 4.12
N GLU A 13 5.82 -4.14 3.91
CA GLU A 13 5.72 -3.50 2.59
C GLU A 13 6.72 -2.37 2.56
N SER A 14 7.70 -2.43 1.67
CA SER A 14 8.74 -1.39 1.67
C SER A 14 8.28 -0.08 1.05
N PRO A 15 8.68 1.07 1.63
CA PRO A 15 9.51 1.21 2.84
C PRO A 15 8.69 1.62 4.08
N TYR A 16 7.42 1.26 4.09
CA TYR A 16 6.54 1.56 5.23
C TYR A 16 6.94 0.73 6.46
N VAL A 17 7.00 -0.60 6.31
CA VAL A 17 7.43 -1.50 7.41
C VAL A 17 8.28 -2.61 6.82
N MET A 18 9.51 -2.74 7.34
CA MET A 18 10.51 -3.67 6.85
C MET A 18 11.16 -4.29 8.10
N MET A 19 11.55 -5.56 7.98
CA MET A 19 12.35 -6.17 9.05
C MET A 19 13.73 -5.59 8.99
N LYS A 20 14.25 -5.11 10.12
CA LYS A 20 15.68 -4.77 10.18
C LYS A 20 16.52 -6.03 9.86
N LYS A 21 17.67 -5.88 9.20
CA LYS A 21 18.51 -7.07 8.87
C LYS A 21 18.87 -7.94 10.09
N ASN A 22 18.98 -7.30 11.25
CA ASN A 22 19.37 -7.95 12.49
C ASN A 22 18.20 -8.22 13.47
N HIS A 23 17.00 -8.38 12.94
CA HIS A 23 15.78 -8.59 13.74
C HIS A 23 15.75 -9.83 14.66
N GLU A 24 16.41 -10.91 14.24
CA GLU A 24 16.49 -12.09 15.10
C GLU A 24 17.28 -11.83 16.39
N MET A 25 18.07 -10.77 16.37
CA MET A 25 18.74 -10.25 17.58
C MET A 25 17.85 -9.31 18.43
N LEU A 26 16.71 -8.88 17.88
CA LEU A 26 15.84 -7.84 18.50
C LEU A 26 14.47 -8.34 18.99
N GLU A 27 13.83 -7.57 19.87
CA GLU A 27 12.52 -8.01 20.39
C GLU A 27 11.45 -6.88 20.22
N GLY A 28 10.18 -7.26 20.09
CA GLY A 28 9.09 -6.29 20.05
C GLY A 28 9.16 -5.29 18.89
N ASN A 29 8.82 -4.04 19.19
CA ASN A 29 8.77 -2.97 18.17
C ASN A 29 10.12 -2.69 17.54
N GLU A 30 11.20 -2.96 18.29
CA GLU A 30 12.56 -2.80 17.79
C GLU A 30 12.88 -3.66 16.55
N ARG A 31 12.15 -4.77 16.32
CA ARG A 31 12.39 -5.62 15.13
C ARG A 31 12.20 -4.90 13.78
N TYR A 32 11.42 -3.81 13.75
CA TYR A 32 10.91 -3.21 12.49
C TYR A 32 11.43 -1.77 12.28
N GLU A 33 11.50 -1.34 11.02
CA GLU A 33 11.83 0.06 10.67
C GLU A 33 11.03 0.53 9.47
N GLY A 34 10.97 1.84 9.25
CA GLY A 34 10.29 2.35 8.05
C GLY A 34 9.39 3.53 8.32
N TYR A 35 8.68 3.98 7.27
CA TYR A 35 7.83 5.18 7.35
C TYR A 35 6.73 5.02 8.38
N CYS A 36 5.99 3.91 8.29
CA CYS A 36 4.89 3.62 9.23
C CYS A 36 5.36 3.26 10.66
N VAL A 37 6.56 2.71 10.80
CA VAL A 37 7.15 2.48 12.15
C VAL A 37 7.39 3.86 12.84
N ASP A 38 8.06 4.79 12.12
CA ASP A 38 8.21 6.16 12.57
C ASP A 38 6.87 6.91 12.85
N LEU A 39 5.90 6.75 11.94
CA LEU A 39 4.63 7.44 12.11
C LEU A 39 3.88 6.94 13.35
N ALA A 40 3.89 5.63 13.56
CA ALA A 40 3.29 5.01 14.75
C ALA A 40 3.89 5.61 16.03
N ALA A 41 5.21 5.75 16.08
CA ALA A 41 5.87 6.37 17.25
C ALA A 41 5.42 7.84 17.48
N GLU A 42 5.26 8.61 16.38
CA GLU A 42 4.69 10.00 16.45
C GLU A 42 3.24 10.06 16.89
N ILE A 43 2.40 9.25 16.27
CA ILE A 43 1.01 9.25 16.66
C ILE A 43 0.87 8.91 18.17
N ALA A 44 1.57 7.87 18.60
CA ALA A 44 1.53 7.38 19.99
C ALA A 44 1.92 8.43 21.01
N LYS A 45 2.96 9.19 20.70
CA LYS A 45 3.45 10.31 21.52
C LYS A 45 2.40 11.41 21.66
N HIS A 46 1.78 11.77 20.54
CA HIS A 46 0.80 12.83 20.51
C HIS A 46 -0.53 12.45 21.12
N CYS A 47 -0.84 11.16 21.18
CA CYS A 47 -2.12 10.72 21.77
C CYS A 47 -1.98 10.10 23.18
N GLY A 48 -0.73 9.97 23.64
CA GLY A 48 -0.40 9.43 24.97
C GLY A 48 -0.64 7.94 25.25
N PHE A 49 -0.54 7.08 24.23
CA PHE A 49 -0.65 5.62 24.43
C PHE A 49 0.64 4.82 24.20
N LYS A 50 0.70 3.65 24.85
CA LYS A 50 1.74 2.62 24.68
C LYS A 50 1.17 1.63 23.64
N TYR A 51 2.03 0.98 22.86
CA TYR A 51 1.53 0.16 21.74
C TYR A 51 2.45 -1.00 21.36
N LYS A 52 1.84 -2.00 20.71
CA LYS A 52 2.52 -3.18 20.18
C LYS A 52 2.25 -3.27 18.68
N LEU A 53 3.32 -3.31 17.88
CA LEU A 53 3.24 -3.64 16.45
C LEU A 53 3.18 -5.13 16.16
N THR A 54 2.23 -5.50 15.27
CA THR A 54 2.02 -6.87 14.84
C THR A 54 1.80 -6.94 13.33
N ILE A 55 2.45 -7.89 12.65
CA ILE A 55 2.19 -8.06 11.20
C ILE A 55 0.94 -8.87 10.89
N VAL A 56 0.07 -8.35 10.02
CA VAL A 56 -1.16 -9.06 9.66
C VAL A 56 -0.88 -10.55 9.28
N GLY A 57 -1.58 -11.48 9.93
CA GLY A 57 -1.36 -12.92 9.73
C GLY A 57 -1.39 -13.44 8.28
N ASP A 58 -2.38 -13.00 7.51
CA ASP A 58 -2.51 -13.43 6.13
C ASP A 58 -1.73 -12.56 5.11
N GLY A 59 -1.03 -11.52 5.57
CA GLY A 59 -0.22 -10.66 4.68
C GLY A 59 -1.01 -9.88 3.64
N LYS A 60 -2.26 -9.54 3.97
CA LYS A 60 -3.18 -8.88 3.01
C LYS A 60 -3.66 -7.50 3.46
N TYR A 61 -4.03 -6.62 2.53
CA TYR A 61 -4.60 -5.32 2.87
C TYR A 61 -6.02 -5.40 3.42
N GLY A 62 -6.94 -5.94 2.61
CA GLY A 62 -8.28 -6.23 3.07
C GLY A 62 -9.28 -6.22 1.94
N ALA A 63 -9.99 -7.34 1.79
CA ALA A 63 -11.07 -7.50 0.84
C ALA A 63 -12.13 -8.39 1.50
N ARG A 64 -13.37 -8.28 1.01
CA ARG A 64 -14.50 -9.08 1.51
C ARG A 64 -14.89 -10.21 0.52
N ASP A 65 -14.85 -11.46 0.98
CA ASP A 65 -15.26 -12.64 0.17
C ASP A 65 -16.72 -12.53 -0.31
N ALA A 66 -16.95 -12.82 -1.59
CA ALA A 66 -18.29 -12.60 -2.21
C ALA A 66 -19.37 -13.49 -1.61
N ASP A 67 -18.95 -14.68 -1.17
CA ASP A 67 -19.83 -15.75 -0.67
C ASP A 67 -20.00 -15.72 0.86
N THR A 68 -18.87 -15.80 1.57
CA THR A 68 -18.86 -15.80 3.05
C THR A 68 -19.10 -14.40 3.62
N LYS A 69 -18.78 -13.38 2.82
CA LYS A 69 -18.77 -11.96 3.22
C LYS A 69 -17.79 -11.65 4.37
N ILE A 70 -16.86 -12.56 4.64
CA ILE A 70 -15.84 -12.33 5.67
C ILE A 70 -14.76 -11.37 5.12
N TRP A 71 -14.33 -10.40 5.95
CA TRP A 71 -13.18 -9.51 5.61
C TRP A 71 -11.86 -10.17 5.94
N ASN A 72 -10.92 -10.15 4.99
CA ASN A 72 -9.54 -10.58 5.29
C ASN A 72 -8.57 -9.39 5.54
N GLY A 73 -7.30 -9.72 5.78
CA GLY A 73 -6.27 -8.71 5.93
C GLY A 73 -6.42 -7.82 7.15
N MET A 74 -5.78 -6.66 7.08
CA MET A 74 -5.82 -5.65 8.15
C MET A 74 -7.22 -5.14 8.38
N VAL A 75 -7.99 -4.99 7.30
CA VAL A 75 -9.38 -4.55 7.47
C VAL A 75 -10.12 -5.56 8.37
N GLY A 76 -9.96 -6.85 8.09
CA GLY A 76 -10.60 -7.92 8.88
C GLY A 76 -10.12 -7.91 10.32
N GLU A 77 -8.83 -7.65 10.55
CA GLU A 77 -8.33 -7.54 11.93
C GLU A 77 -9.04 -6.47 12.75
N LEU A 78 -9.29 -5.31 12.11
CA LEU A 78 -10.09 -4.22 12.75
C LEU A 78 -11.57 -4.59 12.97
N VAL A 79 -12.21 -5.03 11.90
CA VAL A 79 -13.63 -5.40 11.93
C VAL A 79 -14.00 -6.48 12.97
N TYR A 80 -13.14 -7.49 13.11
CA TYR A 80 -13.40 -8.58 14.04
C TYR A 80 -12.75 -8.41 15.40
N GLY A 81 -12.13 -7.25 15.65
CA GLY A 81 -11.64 -6.88 16.98
C GLY A 81 -10.31 -7.50 17.37
N LYS A 82 -9.52 -7.92 16.39
CA LYS A 82 -8.17 -8.44 16.68
C LYS A 82 -7.13 -7.35 16.87
N ALA A 83 -7.42 -6.14 16.39
CA ALA A 83 -6.47 -5.06 16.46
C ALA A 83 -7.21 -3.76 16.75
N ASP A 84 -6.53 -2.81 17.37
CA ASP A 84 -7.12 -1.56 17.81
C ASP A 84 -6.93 -0.43 16.80
N ILE A 85 -5.91 -0.55 15.95
CA ILE A 85 -5.55 0.50 14.99
C ILE A 85 -4.71 -0.15 13.86
N ALA A 86 -4.86 0.37 12.64
CA ALA A 86 -4.03 0.03 11.47
C ALA A 86 -3.24 1.23 11.05
N ILE A 87 -1.92 1.06 11.04
CA ILE A 87 -0.99 2.15 10.67
C ILE A 87 -0.15 1.58 9.53
N ALA A 88 -0.62 1.85 8.30
CA ALA A 88 -0.11 1.20 7.10
C ALA A 88 -0.54 2.02 5.87
N PRO A 89 0.09 1.75 4.70
CA PRO A 89 -0.36 2.27 3.40
C PRO A 89 -1.72 1.73 3.01
N LEU A 90 -2.74 2.03 3.80
CA LEU A 90 -4.09 1.53 3.58
C LEU A 90 -4.98 2.56 2.88
N THR A 91 -5.40 2.22 1.67
CA THR A 91 -6.15 3.20 0.87
C THR A 91 -7.58 3.44 1.40
N ILE A 92 -7.98 4.71 1.48
CA ILE A 92 -9.34 5.16 1.83
C ILE A 92 -10.23 4.90 0.63
N THR A 93 -11.24 4.05 0.80
CA THR A 93 -12.20 3.68 -0.27
C THR A 93 -13.62 3.72 0.33
N LEU A 94 -14.64 3.82 -0.52
CA LEU A 94 -16.02 3.90 -0.08
C LEU A 94 -16.40 2.62 0.77
N VAL A 95 -16.17 1.45 0.20
CA VAL A 95 -16.57 0.17 0.86
C VAL A 95 -15.88 0.00 2.22
N ARG A 96 -14.60 0.39 2.32
CA ARG A 96 -13.92 0.38 3.64
C ARG A 96 -14.42 1.44 4.63
N GLU A 97 -14.65 2.68 4.16
CA GLU A 97 -15.20 3.79 5.01
C GLU A 97 -16.50 3.43 5.75
N GLU A 98 -17.34 2.67 5.06
CA GLU A 98 -18.54 2.11 5.61
C GLU A 98 -18.38 1.14 6.81
N VAL A 99 -17.20 0.52 6.99
CA VAL A 99 -17.04 -0.53 8.03
C VAL A 99 -15.97 -0.23 9.07
N ILE A 100 -15.10 0.72 8.74
CA ILE A 100 -14.05 1.19 9.66
C ILE A 100 -14.01 2.72 9.61
N ASP A 101 -13.44 3.30 10.67
CA ASP A 101 -13.08 4.73 10.72
C ASP A 101 -11.66 5.03 10.12
N PHE A 102 -11.53 6.16 9.42
CA PHE A 102 -10.22 6.58 8.84
C PHE A 102 -9.95 8.03 9.27
N SER A 103 -8.72 8.33 9.66
CA SER A 103 -8.24 9.71 9.72
C SER A 103 -8.28 10.40 8.35
N LYS A 104 -8.19 11.74 8.35
CA LYS A 104 -7.79 12.47 7.16
C LYS A 104 -6.48 11.82 6.62
N PRO A 105 -6.20 11.91 5.29
CA PRO A 105 -5.03 11.25 4.70
C PRO A 105 -3.68 11.77 5.23
N PHE A 106 -2.73 10.85 5.41
CA PHE A 106 -1.37 11.21 5.84
C PHE A 106 -0.40 11.25 4.63
N MET A 107 -0.86 10.75 3.49
CA MET A 107 -0.03 10.69 2.26
C MET A 107 -0.99 10.53 1.09
N SER A 108 -0.72 11.23 -0.01
CA SER A 108 -1.58 11.10 -1.19
C SER A 108 -0.88 10.19 -2.23
N LEU A 109 -1.67 9.56 -3.11
CA LEU A 109 -1.13 8.60 -4.14
C LEU A 109 -2.10 8.49 -5.31
N GLY A 110 -1.67 7.82 -6.39
CA GLY A 110 -2.61 7.26 -7.38
C GLY A 110 -2.08 5.96 -7.96
N ILE A 111 -2.95 5.22 -8.66
CA ILE A 111 -2.55 4.00 -9.38
C ILE A 111 -1.61 4.44 -10.51
N SER A 112 -0.53 3.69 -10.72
CA SER A 112 0.50 4.04 -11.69
C SER A 112 1.06 2.79 -12.41
N ILE A 113 1.85 3.00 -13.47
CA ILE A 113 2.43 1.87 -14.21
C ILE A 113 3.94 1.73 -13.96
N MET A 114 4.37 0.51 -13.64
CA MET A 114 5.79 0.18 -13.51
C MET A 114 6.23 -0.70 -14.70
N ILE A 115 7.32 -0.30 -15.35
CA ILE A 115 7.89 -1.11 -16.44
C ILE A 115 9.37 -1.41 -16.21
N LYS A 116 9.88 -2.48 -16.84
CA LYS A 116 11.32 -2.68 -16.97
C LYS A 116 11.81 -1.58 -17.94
N LYS A 117 12.94 -0.94 -17.62
CA LYS A 117 13.55 0.08 -18.51
C LYS A 117 13.63 -0.37 -19.98
N GLY A 118 13.16 0.50 -20.89
CA GLY A 118 13.14 0.21 -22.29
C GLY A 118 11.87 -0.38 -22.84
N THR A 119 10.93 -0.78 -21.97
CA THR A 119 9.61 -1.32 -22.42
C THR A 119 8.86 -0.28 -23.25
N PRO A 120 8.39 -0.64 -24.46
CA PRO A 120 7.71 0.36 -25.27
C PRO A 120 6.27 0.71 -24.83
N ILE A 121 6.12 1.29 -23.64
CA ILE A 121 4.79 1.60 -23.06
C ILE A 121 4.91 2.93 -22.34
N GLU A 122 3.96 3.82 -22.63
CA GLU A 122 3.89 5.14 -22.01
C GLU A 122 2.60 5.40 -21.25
N SER A 123 1.55 4.63 -21.49
CA SER A 123 0.25 4.94 -20.92
C SER A 123 -0.58 3.71 -20.66
N ALA A 124 -1.65 3.87 -19.89
CA ALA A 124 -2.62 2.78 -19.72
C ALA A 124 -3.27 2.47 -21.06
N GLU A 125 -3.51 3.52 -21.86
CA GLU A 125 -4.07 3.31 -23.22
C GLU A 125 -3.13 2.45 -24.09
N ASP A 126 -1.82 2.74 -24.06
CA ASP A 126 -0.84 1.82 -24.68
C ASP A 126 -1.01 0.35 -24.22
N LEU A 127 -1.06 0.10 -22.90
CA LEU A 127 -1.23 -1.27 -22.40
C LEU A 127 -2.48 -1.97 -22.98
N SER A 128 -3.60 -1.26 -22.98
CA SER A 128 -4.91 -1.82 -23.37
C SER A 128 -5.00 -2.25 -24.85
N LYS A 129 -4.10 -1.72 -25.69
CA LYS A 129 -4.20 -1.90 -27.14
C LYS A 129 -3.21 -2.93 -27.68
N GLN A 130 -2.65 -3.72 -26.77
CA GLN A 130 -1.63 -4.70 -27.17
C GLN A 130 -1.74 -5.96 -26.33
N THR A 131 -1.09 -7.03 -26.79
CA THR A 131 -1.12 -8.30 -26.08
C THR A 131 0.27 -8.86 -25.71
N GLU A 132 1.31 -8.40 -26.41
CA GLU A 132 2.67 -8.94 -26.22
C GLU A 132 3.17 -8.85 -24.76
N ILE A 133 2.92 -7.70 -24.13
CA ILE A 133 3.30 -7.42 -22.75
C ILE A 133 2.09 -7.71 -21.85
N ALA A 134 2.23 -8.70 -20.97
CA ALA A 134 1.21 -8.95 -19.94
C ALA A 134 1.28 -7.86 -18.86
N TYR A 135 0.18 -7.69 -18.12
CA TYR A 135 0.10 -6.74 -17.00
C TYR A 135 -0.97 -7.18 -16.01
N GLY A 136 -0.70 -6.94 -14.74
CA GLY A 136 -1.60 -7.31 -13.67
C GLY A 136 -1.42 -6.44 -12.45
N THR A 137 -2.04 -6.87 -11.35
CA THR A 137 -2.13 -6.10 -10.13
C THR A 137 -1.96 -7.00 -8.88
N LEU A 138 -1.88 -6.38 -7.71
CA LEU A 138 -1.88 -7.08 -6.43
C LEU A 138 -3.28 -7.70 -6.19
N ASP A 139 -3.35 -8.89 -5.57
CA ASP A 139 -4.61 -9.47 -5.05
C ASP A 139 -5.03 -8.83 -3.72
N SER A 140 -6.34 -8.65 -3.52
CA SER A 140 -6.92 -8.32 -2.21
C SER A 140 -6.70 -6.85 -1.77
N GLY A 141 -6.62 -5.95 -2.75
CA GLY A 141 -6.49 -4.52 -2.43
C GLY A 141 -7.26 -3.58 -3.34
N SER A 142 -7.01 -2.29 -3.16
CA SER A 142 -7.76 -1.22 -3.82
C SER A 142 -7.47 -1.16 -5.32
N THR A 143 -6.25 -1.51 -5.73
CA THR A 143 -5.93 -1.46 -7.18
C THR A 143 -6.74 -2.46 -7.99
N LYS A 144 -6.80 -3.70 -7.52
CA LYS A 144 -7.56 -4.75 -8.24
C LYS A 144 -9.02 -4.32 -8.39
N GLU A 145 -9.57 -3.82 -7.30
CA GLU A 145 -10.99 -3.39 -7.21
C GLU A 145 -11.31 -2.17 -8.12
N PHE A 146 -10.33 -1.25 -8.24
CA PHE A 146 -10.45 -0.09 -9.15
C PHE A 146 -10.75 -0.55 -10.57
N PHE A 147 -9.93 -1.50 -11.07
CA PHE A 147 -10.18 -2.10 -12.39
C PHE A 147 -11.47 -2.95 -12.53
N ARG A 148 -11.72 -3.79 -11.53
CA ARG A 148 -12.91 -4.65 -11.50
C ARG A 148 -14.21 -3.82 -11.58
N ARG A 149 -14.18 -2.63 -10.99
CA ARG A 149 -15.37 -1.80 -10.84
C ARG A 149 -15.50 -0.67 -11.89
N SER A 150 -14.48 -0.44 -12.72
CA SER A 150 -14.43 0.78 -13.50
C SER A 150 -15.36 0.80 -14.69
N LYS A 151 -15.98 1.93 -14.93
CA LYS A 151 -16.87 2.10 -16.10
C LYS A 151 -16.19 2.88 -17.23
N ILE A 152 -14.95 3.32 -17.00
CA ILE A 152 -14.12 4.03 -18.00
C ILE A 152 -13.58 3.02 -19.01
N ALA A 153 -13.77 3.32 -20.30
CA ALA A 153 -13.53 2.34 -21.39
C ALA A 153 -12.16 1.67 -21.30
N VAL A 154 -11.12 2.49 -21.22
CA VAL A 154 -9.76 1.97 -21.24
C VAL A 154 -9.59 1.01 -20.06
N PHE A 155 -10.07 1.38 -18.87
CA PHE A 155 -9.88 0.55 -17.65
C PHE A 155 -10.77 -0.75 -17.63
N ASP A 156 -11.97 -0.67 -18.20
CA ASP A 156 -12.78 -1.87 -18.47
C ASP A 156 -12.08 -2.82 -19.46
N LYS A 157 -11.46 -2.29 -20.51
CA LYS A 157 -10.79 -3.14 -21.50
C LYS A 157 -9.66 -3.90 -20.78
N MET A 158 -8.90 -3.14 -19.99
CA MET A 158 -7.83 -3.68 -19.14
C MET A 158 -8.29 -4.83 -18.28
N TRP A 159 -9.34 -4.60 -17.47
CA TRP A 159 -9.94 -5.62 -16.60
C TRP A 159 -10.43 -6.87 -17.36
N THR A 160 -11.14 -6.69 -18.48
CA THR A 160 -11.58 -7.84 -19.29
C THR A 160 -10.40 -8.76 -19.66
N TYR A 161 -9.31 -8.15 -20.09
CA TYR A 161 -8.09 -8.88 -20.40
C TYR A 161 -7.54 -9.57 -19.12
N MET A 162 -7.27 -8.81 -18.05
CA MET A 162 -6.58 -9.35 -16.86
C MET A 162 -7.30 -10.52 -16.12
N ARG A 163 -8.62 -10.46 -16.10
CA ARG A 163 -9.41 -11.43 -15.34
C ARG A 163 -9.41 -12.82 -16.00
N SER A 164 -9.09 -12.88 -17.30
CA SER A 164 -9.05 -14.14 -18.08
C SER A 164 -7.68 -14.49 -18.66
N ALA A 165 -6.65 -13.66 -18.43
CA ALA A 165 -5.31 -13.96 -18.92
C ALA A 165 -4.77 -15.30 -18.35
N GLU A 166 -4.16 -16.14 -19.19
CA GLU A 166 -3.36 -17.31 -18.72
C GLU A 166 -1.93 -17.24 -19.25
N PRO A 167 -0.95 -17.51 -18.39
CA PRO A 167 -1.17 -17.82 -16.95
C PRO A 167 -1.57 -16.54 -16.17
N SER A 168 -1.83 -16.67 -14.87
CA SER A 168 -2.38 -15.56 -14.08
C SER A 168 -1.48 -14.29 -14.12
N VAL A 169 -2.09 -13.12 -14.29
CA VAL A 169 -1.35 -11.84 -14.17
C VAL A 169 -1.29 -11.28 -12.70
N PHE A 170 -1.99 -11.94 -11.78
CA PHE A 170 -2.13 -11.39 -10.43
C PHE A 170 -1.06 -11.91 -9.50
N VAL A 171 -0.68 -11.11 -8.52
CA VAL A 171 0.36 -11.51 -7.60
C VAL A 171 -0.07 -11.30 -6.15
N ARG A 172 0.55 -12.06 -5.26
CA ARG A 172 0.15 -12.05 -3.83
C ARG A 172 0.85 -10.94 -3.02
N THR A 173 2.01 -10.45 -3.50
CA THR A 173 2.69 -9.40 -2.79
C THR A 173 3.30 -8.46 -3.80
N THR A 174 3.58 -7.25 -3.34
CA THR A 174 4.27 -6.24 -4.16
C THR A 174 5.60 -6.77 -4.66
N ALA A 175 6.38 -7.40 -3.79
CA ALA A 175 7.68 -7.98 -4.20
C ALA A 175 7.60 -8.99 -5.32
N GLU A 176 6.56 -9.85 -5.35
CA GLU A 176 6.35 -10.78 -6.45
C GLU A 176 6.14 -10.01 -7.78
N GLY A 177 5.30 -8.98 -7.76
CA GLY A 177 4.99 -8.06 -8.90
C GLY A 177 6.28 -7.45 -9.44
N VAL A 178 7.09 -6.94 -8.54
CA VAL A 178 8.37 -6.35 -8.93
C VAL A 178 9.33 -7.40 -9.53
N ALA A 179 9.41 -8.57 -8.90
CA ALA A 179 10.34 -9.61 -9.33
C ALA A 179 9.88 -10.06 -10.72
N ARG A 180 8.57 -10.11 -10.91
CA ARG A 180 8.05 -10.45 -12.22
C ARG A 180 8.42 -9.46 -13.31
N VAL A 181 8.38 -8.15 -13.02
CA VAL A 181 8.81 -7.11 -13.98
C VAL A 181 10.30 -7.33 -14.32
N ARG A 182 11.13 -7.49 -13.29
CA ARG A 182 12.58 -7.61 -13.48
C ARG A 182 13.04 -8.83 -14.29
N LYS A 183 12.25 -9.91 -14.23
CA LYS A 183 12.70 -11.25 -14.60
C LYS A 183 11.99 -11.66 -15.90
N SER A 184 11.06 -10.81 -16.36
CA SER A 184 10.26 -11.09 -17.54
C SER A 184 10.73 -10.39 -18.81
N LYS A 185 11.88 -9.71 -18.74
CA LYS A 185 12.54 -9.09 -19.92
C LYS A 185 11.69 -8.07 -20.69
N GLY A 186 10.95 -7.21 -19.96
CA GLY A 186 10.02 -6.31 -20.56
C GLY A 186 8.67 -6.88 -20.98
N LYS A 187 8.42 -8.17 -20.72
CA LYS A 187 7.15 -8.82 -21.13
C LYS A 187 6.03 -8.80 -20.09
N TYR A 188 6.34 -8.21 -18.93
CA TYR A 188 5.31 -7.95 -17.91
C TYR A 188 5.42 -6.50 -17.44
N ALA A 189 4.27 -5.81 -17.31
CA ALA A 189 4.16 -4.50 -16.67
C ALA A 189 3.28 -4.66 -15.42
N TYR A 190 3.60 -3.88 -14.40
CA TYR A 190 2.90 -4.00 -13.11
C TYR A 190 2.12 -2.70 -12.75
N LEU A 191 0.83 -2.85 -12.39
CA LEU A 191 0.00 -1.73 -11.97
C LEU A 191 0.00 -1.63 -10.44
N LEU A 192 0.57 -0.55 -9.89
CA LEU A 192 0.74 -0.39 -8.44
C LEU A 192 0.68 1.08 -8.07
N GLU A 193 0.58 1.33 -6.77
CA GLU A 193 0.41 2.67 -6.27
C GLU A 193 1.68 3.51 -6.47
N SER A 194 1.49 4.78 -6.84
CA SER A 194 2.58 5.67 -7.28
C SER A 194 3.68 5.76 -6.22
N THR A 195 3.28 5.80 -4.93
CA THR A 195 4.19 5.85 -3.75
C THR A 195 5.20 4.68 -3.75
N MET A 196 4.68 3.46 -3.97
CA MET A 196 5.49 2.24 -3.99
C MET A 196 6.39 2.22 -5.23
N ASN A 197 5.82 2.61 -6.37
CA ASN A 197 6.51 2.70 -7.64
C ASN A 197 7.74 3.64 -7.54
N GLU A 198 7.57 4.82 -6.96
CA GLU A 198 8.64 5.85 -6.86
C GLU A 198 9.74 5.42 -5.91
N TYR A 199 9.36 4.63 -4.90
CA TYR A 199 10.32 4.05 -3.99
C TYR A 199 11.22 3.02 -4.67
N ILE A 200 10.60 2.05 -5.33
CA ILE A 200 11.28 0.98 -6.07
C ILE A 200 12.25 1.52 -7.20
N GLU A 201 11.81 2.57 -7.90
CA GLU A 201 12.58 3.28 -8.94
C GLU A 201 13.92 3.82 -8.40
N GLN A 202 13.99 4.10 -7.10
CA GLN A 202 15.24 4.59 -6.51
C GLN A 202 16.02 3.48 -5.75
N ARG A 203 15.76 2.22 -6.07
CA ARG A 203 16.47 1.07 -5.42
C ARG A 203 17.24 0.23 -6.47
N LYS A 204 18.42 -0.25 -6.09
CA LYS A 204 19.19 -1.21 -6.93
C LYS A 204 18.40 -2.49 -7.21
N PRO A 205 18.54 -3.05 -8.43
CA PRO A 205 19.46 -2.66 -9.49
C PRO A 205 19.04 -1.51 -10.45
N CYS A 206 18.07 -0.69 -10.08
CA CYS A 206 17.75 0.52 -10.84
C CYS A 206 17.33 0.18 -12.26
N ASP A 207 16.49 -0.85 -12.40
CA ASP A 207 16.06 -1.34 -13.72
C ASP A 207 14.57 -1.18 -14.03
N THR A 208 13.86 -0.49 -13.13
CA THR A 208 12.44 -0.22 -13.33
C THR A 208 12.18 1.29 -13.34
N MET A 209 11.02 1.66 -13.86
CA MET A 209 10.63 3.01 -14.06
C MET A 209 9.12 3.18 -13.93
N LYS A 210 8.70 4.31 -13.36
CA LYS A 210 7.29 4.78 -13.44
C LYS A 210 7.05 5.55 -14.74
N VAL A 211 5.99 5.19 -15.45
CA VAL A 211 5.75 5.83 -16.74
C VAL A 211 4.33 6.40 -16.81
N GLY A 212 4.22 7.61 -17.33
CA GLY A 212 2.90 8.25 -17.55
C GLY A 212 2.32 8.82 -16.26
N GLY A 213 1.14 9.40 -16.37
CA GLY A 213 0.51 10.09 -15.22
C GLY A 213 -0.25 9.09 -14.37
N ASN A 214 -0.71 9.49 -13.19
CA ASN A 214 -1.44 8.56 -12.34
C ASN A 214 -2.86 8.33 -12.88
N LEU A 215 -3.48 7.18 -12.60
CA LEU A 215 -4.83 6.87 -13.17
C LEU A 215 -5.95 7.42 -12.31
N ASP A 216 -5.65 7.65 -11.04
CA ASP A 216 -6.58 8.24 -10.09
C ASP A 216 -5.89 9.08 -9.01
N SER A 217 -6.66 9.67 -8.08
CA SER A 217 -6.06 10.49 -7.02
C SER A 217 -6.78 10.20 -5.71
N LYS A 218 -6.00 9.84 -4.70
CA LYS A 218 -6.59 9.32 -3.47
C LYS A 218 -5.53 9.41 -2.37
N GLY A 219 -5.78 8.78 -1.22
CA GLY A 219 -4.88 8.90 -0.08
C GLY A 219 -4.93 7.72 0.87
N TYR A 220 -3.89 7.58 1.72
CA TYR A 220 -3.89 6.56 2.76
C TYR A 220 -4.37 7.24 4.04
N GLY A 221 -5.10 6.52 4.87
CA GLY A 221 -5.41 7.05 6.19
C GLY A 221 -5.20 6.01 7.26
N ILE A 222 -5.12 6.48 8.49
CA ILE A 222 -4.99 5.62 9.66
C ILE A 222 -6.38 5.10 10.05
N ALA A 223 -6.53 3.77 10.15
CA ALA A 223 -7.86 3.17 10.35
C ALA A 223 -8.08 2.67 11.78
N THR A 224 -9.30 2.85 12.25
CA THR A 224 -9.70 2.38 13.61
C THR A 224 -11.03 1.59 13.45
N PRO A 225 -11.36 0.70 14.44
CA PRO A 225 -12.67 0.07 14.38
C PRO A 225 -13.74 1.16 14.43
N LYS A 226 -14.89 0.90 13.79
CA LYS A 226 -15.94 1.89 13.70
C LYS A 226 -16.45 2.32 15.09
N GLY A 227 -16.38 3.62 15.37
CA GLY A 227 -16.85 4.20 16.65
C GLY A 227 -15.83 4.22 17.79
N SER A 228 -14.65 3.66 17.55
CA SER A 228 -13.54 3.68 18.53
C SER A 228 -13.23 5.10 19.02
N SER A 229 -12.99 5.25 20.31
CA SER A 229 -12.67 6.54 20.89
C SER A 229 -11.25 6.99 20.53
N LEU A 230 -10.46 6.07 19.97
CA LEU A 230 -9.13 6.40 19.42
C LEU A 230 -9.17 7.33 18.19
N GLY A 231 -10.28 7.29 17.44
CA GLY A 231 -10.32 7.99 16.14
C GLY A 231 -10.06 9.50 16.17
N THR A 232 -10.74 10.17 17.10
CA THR A 232 -10.64 11.64 17.24
C THR A 232 -9.23 12.15 17.56
N PRO A 233 -8.60 11.68 18.65
CA PRO A 233 -7.22 12.17 18.84
C PRO A 233 -6.25 11.75 17.72
N VAL A 234 -6.42 10.56 17.12
CA VAL A 234 -5.52 10.11 16.04
C VAL A 234 -5.59 11.05 14.82
N ASN A 235 -6.81 11.45 14.47
CA ASN A 235 -7.05 12.38 13.40
C ASN A 235 -6.40 13.78 13.62
N LEU A 236 -6.58 14.34 14.82
CA LEU A 236 -5.94 15.61 15.22
C LEU A 236 -4.41 15.47 15.16
N ALA A 237 -3.91 14.32 15.58
CA ALA A 237 -2.45 14.03 15.50
C ALA A 237 -1.91 14.01 14.05
N VAL A 238 -2.66 13.40 13.13
CA VAL A 238 -2.27 13.39 11.71
C VAL A 238 -2.23 14.84 11.17
N LEU A 239 -3.25 15.63 11.48
CA LEU A 239 -3.27 17.08 11.05
C LEU A 239 -2.13 17.91 11.67
N LYS A 240 -1.83 17.71 12.94
CA LYS A 240 -0.73 18.47 13.56
C LYS A 240 0.63 18.14 12.89
N LEU A 241 0.89 16.85 12.69
CA LEU A 241 2.14 16.37 12.04
C LEU A 241 2.24 16.86 10.58
N SER A 242 1.13 16.86 9.88
CA SER A 242 1.09 17.48 8.58
C SER A 242 1.55 18.94 8.65
N GLU A 243 0.87 19.73 9.50
CA GLU A 243 1.16 21.15 9.58
C GLU A 243 2.55 21.48 10.10
N GLN A 244 3.14 20.59 10.92
CA GLN A 244 4.50 20.77 11.43
C GLN A 244 5.60 20.39 10.44
N GLY A 245 5.20 19.83 9.31
CA GLY A 245 6.14 19.38 8.28
C GLY A 245 6.77 18.01 8.57
N VAL A 246 6.26 17.32 9.60
CA VAL A 246 6.76 15.95 9.96
C VAL A 246 6.44 14.87 8.93
N LEU A 247 5.24 14.90 8.35
CA LEU A 247 5.00 13.97 7.27
C LEU A 247 5.98 14.17 6.09
N ASP A 248 6.19 15.41 5.68
CA ASP A 248 7.16 15.68 4.61
C ASP A 248 8.57 15.23 4.97
N LYS A 249 9.00 15.51 6.20
CA LYS A 249 10.30 15.04 6.71
C LYS A 249 10.45 13.50 6.61
N LEU A 250 9.41 12.76 7.04
CA LEU A 250 9.43 11.28 6.97
C LEU A 250 9.45 10.74 5.53
N LYS A 251 8.67 11.36 4.63
CA LYS A 251 8.70 10.94 3.23
C LYS A 251 10.11 11.08 2.62
N ASN A 252 10.75 12.24 2.82
CA ASN A 252 12.13 12.45 2.36
C ASN A 252 13.16 11.47 2.97
N LYS A 253 12.99 11.16 4.25
CA LYS A 253 13.81 10.18 4.94
C LYS A 253 13.80 8.78 4.25
N TRP A 254 12.61 8.27 3.96
CA TRP A 254 12.45 6.89 3.51
C TRP A 254 12.41 6.68 2.01
N TRP A 255 12.29 7.76 1.24
CA TRP A 255 12.25 7.64 -0.22
C TRP A 255 13.56 8.09 -0.89
N TYR A 256 13.95 9.31 -0.58
CA TYR A 256 14.93 10.01 -1.38
C TYR A 256 16.26 10.13 -0.69
N ASP A 257 16.26 10.31 0.63
CA ASP A 257 17.48 10.11 1.42
C ASP A 257 18.02 8.68 1.27
N LYS A 258 17.14 7.70 1.09
CA LYS A 258 17.69 6.38 0.83
C LYS A 258 17.84 5.96 -0.66
N GLY A 259 17.76 6.93 -1.57
CA GLY A 259 17.93 6.66 -3.00
C GLY A 259 19.30 6.10 -3.35
N GLU A 260 19.31 5.04 -4.14
CA GLU A 260 20.52 4.28 -4.52
C GLU A 260 20.83 4.42 -6.00
N CYS A 261 20.04 5.22 -6.69
CA CYS A 261 20.12 5.27 -8.13
C CYS A 261 20.56 6.68 -8.54
N GLY A 262 21.26 7.38 -7.65
CA GLY A 262 21.68 8.77 -7.93
C GLY A 262 21.10 9.88 -7.05
F1 O28 B . -8.50 10.34 1.15
C2 O28 B . -8.98 10.39 -0.07
F3 O28 B . -8.95 9.17 -0.61
F4 O28 B . -10.25 10.79 0.04
C5 O28 B . -8.15 11.40 -0.83
N6 O28 B . -6.94 11.76 -0.43
N7 O28 B . -6.45 12.73 -1.38
C8 O28 B . -7.41 12.91 -2.36
C9 O28 B . -8.47 12.14 -2.08
C10 O28 B . -9.71 12.07 -2.94
C11 O28 B . -9.76 13.27 -3.90
C12 O28 B . -8.42 13.63 -4.54
C13 O28 B . -7.27 13.85 -3.54
C14 O28 B . -5.12 13.32 -1.23
C15 O28 B . -5.15 14.35 -0.15
O16 O28 B . -6.04 15.21 -0.18
N17 O28 B . -4.19 14.32 0.80
C18 O28 B . -4.24 15.14 1.90
S19 O28 B . -5.65 16.17 2.23
C20 O28 B . -4.83 16.74 3.68
C21 O28 B . -3.62 16.19 3.89
C22 O28 B . -3.25 15.23 2.83
C23 O28 B . -2.74 16.54 5.07
C24 O28 B . -3.33 17.72 5.85
C25 O28 B . -4.84 17.61 5.96
C26 O28 B . -5.49 17.75 4.60
C27 O28 B . -1.86 14.76 2.53
O28 O28 B . -1.61 14.25 1.44
N29 O28 B . -0.91 14.91 3.46
N GLU C . -2.86 0.37 -0.55
CA GLU C . -3.66 -0.68 -1.23
C GLU C . -4.83 -1.13 -0.37
O GLU C . -5.61 -2.08 -0.71
CB GLU C . -2.80 -1.91 -1.49
CG GLU C . -1.88 -1.88 -2.71
CD GLU C . -2.61 -1.94 -4.03
OE1 GLU C . -1.99 -1.55 -5.06
OE2 GLU C . -3.77 -2.35 -4.04
OXT GLU C . -4.95 -0.57 0.71
S SO4 D . 10.34 -12.87 17.30
O1 SO4 D . 10.55 -11.80 18.25
O2 SO4 D . 11.63 -13.30 16.76
O3 SO4 D . 9.51 -12.39 16.18
O4 SO4 D . 9.61 -13.96 17.92
S SO4 E . -9.76 -9.97 -4.76
O1 SO4 E . -10.48 -10.33 -3.55
O2 SO4 E . -8.37 -10.39 -4.55
O3 SO4 E . -9.85 -8.52 -4.92
O4 SO4 E . -10.23 -10.62 -6.00
S SO4 F . 11.45 -12.46 14.83
O1 SO4 F . 11.27 -12.75 16.26
O2 SO4 F . 11.79 -13.68 14.10
O3 SO4 F . 12.52 -11.46 14.65
O4 SO4 F . 10.22 -11.93 14.25
S DMS G . 9.19 -2.48 22.61
O DMS G . 10.45 -2.79 21.36
C1 DMS G . 7.61 -3.19 22.06
C2 DMS G . 9.40 -3.49 24.10
C1 GOL H . -10.64 -2.01 -1.43
O1 GOL H . -11.72 -1.19 -1.02
C2 GOL H . -10.95 -3.46 -1.07
O2 GOL H . -11.48 -3.59 0.23
C3 GOL H . -11.98 -3.96 -2.08
O3 GOL H . -11.90 -5.36 -2.04
C1 GOL I . -14.59 8.00 10.03
O1 GOL I . -14.03 7.67 8.79
C2 GOL I . -14.62 9.50 10.27
O2 GOL I . -15.39 10.09 9.26
C3 GOL I . -15.31 9.71 11.62
O3 GOL I . -14.45 9.36 12.69
C1 GOL J . -15.84 -9.37 -13.63
O1 GOL J . -16.18 -8.01 -13.70
C2 GOL J . -15.39 -9.70 -12.22
O2 GOL J . -16.51 -10.05 -11.46
C3 GOL J . -14.45 -10.87 -12.23
O3 GOL J . -14.24 -11.22 -10.88
C1 GOL K . -18.87 2.64 -10.68
O1 GOL K . -19.54 3.34 -11.72
C2 GOL K . -17.35 2.76 -10.73
O2 GOL K . -16.90 3.79 -11.57
C3 GOL K . -16.77 2.98 -9.34
O3 GOL K . -15.46 2.49 -9.23
C1 GOL L . 1.98 11.26 -7.17
O1 GOL L . 2.86 10.81 -8.19
C2 GOL L . 2.65 11.32 -5.80
O2 GOL L . 2.94 10.03 -5.28
C3 GOL L . 3.81 12.34 -5.79
O3 GOL L . 5.08 11.81 -5.43
C1 GOL M . 5.17 17.79 -1.71
O1 GOL M . 4.39 18.53 -2.66
C2 GOL M . 6.19 18.67 -0.98
O2 GOL M . 6.88 19.48 -1.91
C3 GOL M . 5.62 19.53 0.14
O3 GOL M . 4.60 18.83 0.82
#